data_3TZ4
#
_entry.id   3TZ4
#
_cell.length_a   127.953
_cell.length_b   127.953
_cell.length_c   73.399
_cell.angle_alpha   90.00
_cell.angle_beta   90.00
_cell.angle_gamma   90.00
#
_symmetry.space_group_name_H-M   'P 42 21 2'
#
loop_
_entity.id
_entity.type
_entity.pdbx_description
1 polymer '[3-methyl-2-oxobutanoate dehydrogenase [lipoamide]] kinase, mitochondrial'
2 non-polymer "ADENOSINE-5'-DIPHOSPHATE"
3 non-polymer '(2S)-2-chloro-4-methylpentanoic acid'
4 non-polymer 'MAGNESIUM ION'
5 non-polymer 'POTASSIUM ION'
6 water water
#
_entity_poly.entity_id   1
_entity_poly.type   'polypeptide(L)'
_entity_poly.pdbx_seq_one_letter_code
;MILTSVLGSGPRSGSSLWPLLGSSLSLRVRSTSATDTHHVELARERSKTVTSFYNQSAIDVVAEKPSVRLTPTMMLYSGR
SQDGSHLLKSGRYLQQELPVRIAHRIKGFRSLPFIIGCNPTILHVHELYIRAFQKLTDFPPIKDQADEAQYCQLVRQLLD
DHKDVVTLLAEGLRESRKHIEDEKLVRYFLDKTLTSRLGIRMLATHHLALHEDKPDFVGIICTRLSPKKIIEKWVDFARR
LCEHKYGNAPRVRINGHVAARFPFIPMPLDYILPELLKNAMRATMESHLDTPYNVPDVVITIANNDVDLIIRISDRGGGI
AHKDLDRVMDYHFTTAEASTQDPRISPLFGHLDMHSGGQSGPMHGFGFGLPTSRAYAEYLGGSLQLQSLQGIGTDVYLRL
RHIDGREESFRIHHHHHH
;
_entity_poly.pdbx_strand_id   A
#
# COMPACT_ATOMS: atom_id res chain seq x y z
N VAL A 68 16.89 -5.38 11.24
CA VAL A 68 17.01 -3.98 11.62
C VAL A 68 17.01 -3.10 10.37
N ARG A 69 16.38 -3.61 9.31
CA ARG A 69 16.27 -2.87 8.07
C ARG A 69 15.26 -1.75 8.17
N LEU A 70 15.60 -0.61 7.56
CA LEU A 70 14.83 0.59 7.78
C LEU A 70 14.00 1.01 6.57
N THR A 71 12.84 1.60 6.85
CA THR A 71 12.09 2.37 5.87
C THR A 71 12.41 3.82 6.24
N PRO A 72 11.78 4.81 5.59
CA PRO A 72 12.26 6.17 5.88
C PRO A 72 12.03 6.61 7.33
N THR A 73 13.07 7.17 7.96
CA THR A 73 13.02 7.65 9.34
C THR A 73 12.28 6.69 10.27
N MET A 74 12.40 5.40 9.95
CA MET A 74 11.61 4.34 10.60
C MET A 74 12.44 3.06 10.52
N MET A 75 12.43 2.26 11.58
CA MET A 75 13.27 1.06 11.58
C MET A 75 12.55 -0.25 11.91
N LEU A 76 12.72 -1.26 11.05
CA LEU A 76 12.17 -2.59 11.27
C LEU A 76 13.19 -3.50 11.94
N TYR A 77 12.97 -3.79 13.22
CA TYR A 77 13.93 -4.57 14.01
C TYR A 77 14.05 -6.04 13.58
N SER A 78 15.27 -6.44 13.20
CA SER A 78 15.63 -7.85 13.14
C SER A 78 16.34 -8.21 14.43
N GLY A 79 15.72 -9.09 15.21
CA GLY A 79 16.26 -9.50 16.49
C GLY A 79 15.98 -10.96 16.74
N ARG A 80 16.89 -11.63 17.43
CA ARG A 80 16.72 -13.04 17.74
C ARG A 80 17.30 -13.36 19.10
N SER A 81 16.49 -13.18 20.13
CA SER A 81 16.88 -13.52 21.50
C SER A 81 15.95 -14.60 22.04
N GLN A 82 16.52 -15.74 22.42
CA GLN A 82 15.75 -16.87 22.92
C GLN A 82 14.97 -16.51 24.19
N ASP A 83 15.54 -15.63 25.00
CA ASP A 83 14.87 -15.19 26.23
C ASP A 83 13.63 -14.35 25.92
N GLY A 84 13.59 -13.78 24.71
CA GLY A 84 12.45 -12.98 24.27
C GLY A 84 12.58 -11.51 24.65
N SER A 85 13.82 -11.06 24.78
CA SER A 85 14.08 -9.67 25.16
C SER A 85 14.02 -8.71 23.97
N HIS A 86 14.11 -9.27 22.76
CA HIS A 86 13.97 -8.46 21.56
C HIS A 86 12.52 -8.00 21.42
N LEU A 87 11.59 -8.84 21.86
CA LEU A 87 10.18 -8.47 21.92
C LEU A 87 9.98 -7.23 22.76
N LEU A 88 10.73 -7.15 23.87
CA LEU A 88 10.64 -6.02 24.77
C LEU A 88 11.25 -4.76 24.17
N LYS A 89 12.42 -4.90 23.56
CA LYS A 89 13.06 -3.75 22.94
C LYS A 89 12.19 -3.25 21.79
N SER A 90 11.69 -4.20 20.98
CA SER A 90 10.76 -3.87 19.91
C SER A 90 9.53 -3.16 20.45
N GLY A 91 8.89 -3.79 21.44
CA GLY A 91 7.69 -3.23 22.05
C GLY A 91 7.89 -1.81 22.54
N ARG A 92 9.02 -1.58 23.21
CA ARG A 92 9.32 -0.26 23.75
C ARG A 92 9.54 0.76 22.63
N TYR A 93 10.14 0.31 21.53
CA TYR A 93 10.35 1.19 20.38
C TYR A 93 8.99 1.61 19.81
N LEU A 94 8.14 0.62 19.54
CA LEU A 94 6.80 0.86 19.06
C LEU A 94 6.10 1.86 19.99
N GLN A 95 6.23 1.63 21.28
CA GLN A 95 5.53 2.47 22.27
C GLN A 95 5.97 3.93 22.24
N GLN A 96 7.25 4.17 21.98
CA GLN A 96 7.73 5.55 21.88
C GLN A 96 7.34 6.18 20.54
N GLU A 97 7.28 5.33 19.51
CA GLU A 97 7.14 5.81 18.14
C GLU A 97 5.69 6.07 17.71
N LEU A 98 4.77 5.17 18.05
CA LEU A 98 3.39 5.31 17.57
C LEU A 98 2.72 6.65 17.94
N PRO A 99 2.81 7.06 19.21
CA PRO A 99 2.08 8.29 19.57
C PRO A 99 2.58 9.53 18.80
N VAL A 100 3.89 9.66 18.63
CA VAL A 100 4.41 10.80 17.90
C VAL A 100 3.86 10.82 16.47
N ARG A 101 3.89 9.67 15.82
CA ARG A 101 3.42 9.61 14.43
C ARG A 101 1.91 9.80 14.29
N ILE A 102 1.14 9.27 15.23
CA ILE A 102 -0.29 9.53 15.25
C ILE A 102 -0.56 11.03 15.47
N ALA A 103 0.25 11.67 16.31
CA ALA A 103 0.11 13.11 16.53
C ALA A 103 0.30 13.92 15.24
N HIS A 104 1.28 13.54 14.43
CA HIS A 104 1.48 14.17 13.13
C HIS A 104 0.24 14.03 12.24
N ARG A 105 -0.36 12.85 12.22
CA ARG A 105 -1.58 12.66 11.45
C ARG A 105 -2.68 13.58 11.97
N ILE A 106 -2.79 13.69 13.28
CA ILE A 106 -3.81 14.58 13.87
C ILE A 106 -3.55 16.04 13.46
N LYS A 107 -2.30 16.45 13.51
CA LYS A 107 -1.91 17.79 13.05
C LYS A 107 -2.32 17.99 11.58
N GLY A 108 -2.17 16.95 10.78
CA GLY A 108 -2.63 16.99 9.40
C GLY A 108 -4.14 17.25 9.30
N PHE A 109 -4.93 16.60 10.14
CA PHE A 109 -6.38 16.86 10.12
C PHE A 109 -6.70 18.28 10.59
N ARG A 110 -5.97 18.76 11.60
CA ARG A 110 -6.22 20.10 12.12
C ARG A 110 -5.99 21.20 11.09
N SER A 111 -5.11 20.93 10.11
CA SER A 111 -4.72 21.93 9.12
C SER A 111 -5.48 21.81 7.81
N LEU A 112 -6.32 20.77 7.69
CA LEU A 112 -7.23 20.66 6.55
C LEU A 112 -8.09 21.91 6.47
N PRO A 113 -8.37 22.39 5.24
CA PRO A 113 -9.37 23.44 5.03
C PRO A 113 -10.63 23.15 5.82
N PHE A 114 -11.13 24.19 6.48
CA PHE A 114 -12.28 24.10 7.38
C PHE A 114 -13.44 23.31 6.78
N ILE A 115 -13.82 23.67 5.55
CA ILE A 115 -15.00 23.11 4.89
C ILE A 115 -14.84 21.60 4.66
N ILE A 116 -13.60 21.16 4.45
CA ILE A 116 -13.32 19.73 4.32
C ILE A 116 -13.28 19.04 5.68
N GLY A 117 -12.60 19.67 6.65
CA GLY A 117 -12.50 19.10 7.99
C GLY A 117 -13.86 18.94 8.66
N CYS A 118 -14.84 19.73 8.22
CA CYS A 118 -16.20 19.64 8.77
C CYS A 118 -17.05 18.52 8.17
N ASN A 119 -16.58 17.90 7.09
CA ASN A 119 -17.28 16.75 6.53
C ASN A 119 -17.38 15.66 7.59
N PRO A 120 -18.59 15.15 7.82
CA PRO A 120 -18.80 14.14 8.87
C PRO A 120 -17.92 12.89 8.75
N THR A 121 -17.63 12.44 7.54
CA THR A 121 -16.74 11.29 7.41
C THR A 121 -15.30 11.67 7.76
N ILE A 122 -14.87 12.86 7.34
CA ILE A 122 -13.53 13.32 7.67
C ILE A 122 -13.42 13.48 9.18
N LEU A 123 -14.46 14.02 9.80
CA LEU A 123 -14.50 14.21 11.23
C LEU A 123 -14.40 12.87 11.96
N HIS A 124 -15.09 11.87 11.44
CA HIS A 124 -15.03 10.53 12.01
C HIS A 124 -13.59 9.99 12.00
N VAL A 125 -12.91 10.12 10.86
CA VAL A 125 -11.54 9.63 10.77
C VAL A 125 -10.64 10.43 11.71
N HIS A 126 -10.87 11.74 11.74
CA HIS A 126 -10.14 12.64 12.63
C HIS A 126 -10.26 12.15 14.08
N GLU A 127 -11.50 11.91 14.50
CA GLU A 127 -11.77 11.31 15.82
C GLU A 127 -11.10 9.95 16.05
N LEU A 128 -11.08 9.10 15.03
CA LEU A 128 -10.44 7.79 15.19
C LEU A 128 -8.99 7.96 15.60
N TYR A 129 -8.30 8.88 14.92
CA TYR A 129 -6.90 9.16 15.23
C TYR A 129 -6.70 9.73 16.63
N ILE A 130 -7.61 10.58 17.08
CA ILE A 130 -7.53 11.15 18.43
C ILE A 130 -7.69 10.01 19.42
N ARG A 131 -8.70 9.19 19.17
CA ARG A 131 -8.98 8.05 20.01
C ARG A 131 -7.75 7.15 20.13
N ALA A 132 -7.08 6.88 19.01
CA ALA A 132 -5.88 6.06 18.99
C ALA A 132 -4.74 6.70 19.76
N PHE A 133 -4.56 8.00 19.59
CA PHE A 133 -3.54 8.71 20.34
C PHE A 133 -3.84 8.58 21.83
N GLN A 134 -5.11 8.73 22.19
CA GLN A 134 -5.52 8.63 23.58
C GLN A 134 -5.17 7.26 24.17
N LYS A 135 -5.54 6.20 23.48
CA LYS A 135 -5.29 4.85 24.02
C LYS A 135 -3.80 4.55 24.07
N LEU A 136 -3.06 5.07 23.10
CA LEU A 136 -1.63 4.75 23.03
C LEU A 136 -0.89 5.43 24.18
N THR A 137 -1.22 6.68 24.42
CA THR A 137 -0.54 7.43 25.46
C THR A 137 -0.97 6.97 26.85
N ASP A 138 -2.23 6.54 26.98
CA ASP A 138 -2.74 5.99 28.24
C ASP A 138 -2.07 4.67 28.61
N PHE A 139 -1.40 4.03 27.67
CA PHE A 139 -0.82 2.72 27.97
C PHE A 139 0.47 2.90 28.75
N PRO A 140 0.61 2.15 29.85
CA PRO A 140 1.76 2.28 30.75
C PRO A 140 3.04 1.80 30.09
N PRO A 141 4.17 2.45 30.41
CA PRO A 141 5.47 2.00 29.92
C PRO A 141 5.62 0.49 30.08
N ILE A 142 6.27 -0.15 29.12
CA ILE A 142 6.40 -1.61 29.13
C ILE A 142 7.62 -2.07 29.92
N LYS A 143 7.39 -2.86 30.97
CA LYS A 143 8.49 -3.34 31.81
C LYS A 143 8.73 -4.85 31.73
N ASP A 144 7.78 -5.59 31.17
CA ASP A 144 7.88 -7.06 31.15
C ASP A 144 7.04 -7.69 30.04
N GLN A 145 7.17 -8.99 29.86
CA GLN A 145 6.43 -9.69 28.80
C GLN A 145 4.93 -9.45 28.93
N ALA A 146 4.44 -9.44 30.16
CA ALA A 146 3.02 -9.21 30.44
C ALA A 146 2.54 -7.87 29.87
N ASP A 147 3.31 -6.80 30.10
CA ASP A 147 2.97 -5.50 29.53
C ASP A 147 3.02 -5.59 28.00
N GLU A 148 4.16 -6.05 27.49
CA GLU A 148 4.37 -6.21 26.06
C GLU A 148 3.21 -6.95 25.43
N ALA A 149 2.84 -8.08 26.03
CA ALA A 149 1.74 -8.90 25.53
C ALA A 149 0.41 -8.16 25.45
N GLN A 150 0.15 -7.29 26.42
CA GLN A 150 -1.09 -6.52 26.44
C GLN A 150 -1.04 -5.36 25.43
N TYR A 151 0.14 -4.74 25.28
CA TYR A 151 0.30 -3.71 24.27
C TYR A 151 -0.07 -4.26 22.89
N CYS A 152 0.35 -5.48 22.60
CA CYS A 152 0.07 -6.14 21.32
C CYS A 152 -1.42 -6.25 21.07
N GLN A 153 -2.19 -6.52 22.12
CA GLN A 153 -3.64 -6.57 21.98
C GLN A 153 -4.19 -5.20 21.58
N LEU A 154 -3.65 -4.14 22.17
CA LEU A 154 -4.08 -2.80 21.82
C LEU A 154 -3.74 -2.51 20.35
N VAL A 155 -2.51 -2.83 19.95
CA VAL A 155 -2.07 -2.57 18.59
C VAL A 155 -2.94 -3.32 17.59
N ARG A 156 -3.20 -4.60 17.88
CA ARG A 156 -4.07 -5.39 17.03
CA ARG A 156 -4.10 -5.44 17.08
C ARG A 156 -5.47 -4.77 16.93
N GLN A 157 -6.03 -4.31 18.06
CA GLN A 157 -7.32 -3.62 18.05
C GLN A 157 -7.28 -2.35 17.17
N LEU A 158 -6.25 -1.54 17.33
CA LEU A 158 -6.12 -0.31 16.56
C LEU A 158 -5.98 -0.61 15.05
N LEU A 159 -5.10 -1.53 14.71
CA LEU A 159 -4.94 -1.96 13.31
C LEU A 159 -6.28 -2.29 12.67
N ASP A 160 -7.10 -3.08 13.36
CA ASP A 160 -8.43 -3.45 12.87
C ASP A 160 -9.40 -2.25 12.81
N ASP A 161 -9.43 -1.45 13.88
CA ASP A 161 -10.27 -0.25 13.94
C ASP A 161 -10.02 0.70 12.76
N HIS A 162 -8.77 0.75 12.32
CA HIS A 162 -8.33 1.65 11.24
C HIS A 162 -8.23 1.03 9.83
N LYS A 163 -8.78 -0.16 9.64
CA LYS A 163 -8.55 -0.88 8.39
C LYS A 163 -9.26 -0.25 7.20
N ASP A 164 -10.33 0.51 7.46
CA ASP A 164 -11.11 1.13 6.39
C ASP A 164 -10.79 2.62 6.17
N VAL A 165 -9.69 3.09 6.73
CA VAL A 165 -9.39 4.52 6.71
C VAL A 165 -9.23 5.10 5.29
N VAL A 166 -8.54 4.38 4.41
CA VAL A 166 -8.36 4.86 3.03
C VAL A 166 -9.71 5.10 2.37
N THR A 167 -10.65 4.20 2.61
CA THR A 167 -11.94 4.24 1.96
C THR A 167 -12.78 5.38 2.53
N LEU A 168 -12.70 5.57 3.83
CA LEU A 168 -13.41 6.65 4.48
C LEU A 168 -12.88 8.01 4.01
N LEU A 169 -11.56 8.14 3.92
CA LEU A 169 -10.97 9.37 3.41
C LEU A 169 -11.42 9.64 1.98
N ALA A 170 -11.42 8.61 1.14
CA ALA A 170 -11.85 8.78 -0.25
C ALA A 170 -13.28 9.32 -0.33
N GLU A 171 -14.18 8.73 0.45
CA GLU A 171 -15.57 9.17 0.49
C GLU A 171 -15.67 10.59 1.03
N GLY A 172 -15.01 10.82 2.17
CA GLY A 172 -15.10 12.11 2.83
C GLY A 172 -14.61 13.24 1.96
N LEU A 173 -13.65 12.95 1.09
CA LEU A 173 -12.96 13.98 0.34
C LEU A 173 -13.58 14.18 -1.03
N ARG A 174 -14.29 13.16 -1.50
CA ARG A 174 -14.78 13.15 -2.86
C ARG A 174 -15.45 14.47 -3.19
N GLU A 175 -16.48 14.81 -2.42
CA GLU A 175 -17.22 16.05 -2.65
C GLU A 175 -16.55 17.27 -2.07
N SER A 176 -16.15 17.19 -0.81
CA SER A 176 -15.62 18.34 -0.11
C SER A 176 -14.41 19.00 -0.78
N ARG A 177 -13.65 18.23 -1.56
CA ARG A 177 -12.40 18.74 -2.13
C ARG A 177 -12.61 19.80 -3.20
N LYS A 178 -13.75 19.76 -3.88
CA LYS A 178 -13.99 20.69 -4.97
C LYS A 178 -14.40 22.07 -4.47
N HIS A 179 -14.54 22.18 -3.14
CA HIS A 179 -14.96 23.42 -2.51
C HIS A 179 -13.77 24.33 -2.17
N ILE A 180 -12.57 23.92 -2.58
CA ILE A 180 -11.40 24.75 -2.34
C ILE A 180 -10.64 25.06 -3.63
N GLU A 181 -9.99 26.22 -3.64
CA GLU A 181 -9.33 26.77 -4.82
C GLU A 181 -8.01 26.07 -5.14
N ASP A 182 -7.25 25.73 -4.10
CA ASP A 182 -5.96 25.06 -4.28
C ASP A 182 -6.13 23.54 -4.29
N GLU A 183 -5.90 22.92 -5.45
CA GLU A 183 -6.11 21.49 -5.60
C GLU A 183 -4.90 20.67 -5.16
N LYS A 184 -3.74 21.31 -5.15
CA LYS A 184 -2.53 20.67 -4.65
C LYS A 184 -2.72 20.23 -3.20
N LEU A 185 -3.64 20.88 -2.50
CA LEU A 185 -3.78 20.69 -1.07
C LEU A 185 -4.16 19.26 -0.69
N VAL A 186 -5.21 18.74 -1.31
CA VAL A 186 -5.69 17.40 -1.00
C VAL A 186 -4.70 16.33 -1.44
N ARG A 187 -4.12 16.49 -2.62
CA ARG A 187 -3.08 15.57 -3.06
C ARG A 187 -2.01 15.43 -1.97
N TYR A 188 -1.57 16.58 -1.45
CA TYR A 188 -0.48 16.57 -0.48
C TYR A 188 -0.92 15.90 0.83
N PHE A 189 -2.11 16.27 1.31
CA PHE A 189 -2.68 15.66 2.52
C PHE A 189 -2.81 14.15 2.40
N LEU A 190 -3.41 13.71 1.30
CA LEU A 190 -3.55 12.27 1.08
C LEU A 190 -2.20 11.58 0.91
N ASP A 191 -1.32 12.12 0.07
CA ASP A 191 0.01 11.48 -0.08
C ASP A 191 0.65 11.32 1.30
N LYS A 192 0.63 12.39 2.08
CA LYS A 192 1.30 12.38 3.38
C LYS A 192 0.59 11.45 4.37
N THR A 193 -0.74 11.50 4.39
CA THR A 193 -1.51 10.70 5.34
C THR A 193 -1.41 9.20 5.04
N LEU A 194 -1.60 8.85 3.77
CA LEU A 194 -1.62 7.43 3.37
C LEU A 194 -0.26 6.74 3.50
N THR A 195 0.82 7.43 3.13
CA THR A 195 2.17 6.87 3.26
C THR A 195 2.63 6.76 4.72
N SER A 196 2.34 7.78 5.53
CA SER A 196 2.63 7.70 6.96
C SER A 196 1.88 6.51 7.53
N ARG A 197 0.61 6.39 7.15
CA ARG A 197 -0.20 5.26 7.60
C ARG A 197 0.41 3.91 7.17
N LEU A 198 0.87 3.82 5.92
CA LEU A 198 1.55 2.58 5.48
C LEU A 198 2.75 2.29 6.38
N GLY A 199 3.57 3.32 6.64
CA GLY A 199 4.74 3.18 7.50
C GLY A 199 4.40 2.69 8.90
N ILE A 200 3.33 3.25 9.47
CA ILE A 200 2.87 2.89 10.81
C ILE A 200 2.35 1.47 10.87
N ARG A 201 1.57 1.08 9.86
CA ARG A 201 1.01 -0.27 9.85
C ARG A 201 2.12 -1.31 9.65
N MET A 202 3.15 -0.96 8.87
CA MET A 202 4.27 -1.88 8.65
C MET A 202 5.03 -2.14 9.94
N LEU A 203 5.37 -1.07 10.65
CA LEU A 203 6.04 -1.20 11.94
C LEU A 203 5.19 -2.01 12.92
N ALA A 204 3.93 -1.61 13.07
CA ALA A 204 3.02 -2.29 14.00
C ALA A 204 2.89 -3.77 13.66
N THR A 205 2.58 -4.07 12.41
CA THR A 205 2.43 -5.44 11.95
C THR A 205 3.73 -6.24 12.08
N HIS A 206 4.85 -5.56 11.86
CA HIS A 206 6.15 -6.20 12.02
C HIS A 206 6.36 -6.62 13.48
N HIS A 207 5.98 -5.76 14.41
CA HIS A 207 6.10 -6.12 15.81
C HIS A 207 5.27 -7.33 16.15
N LEU A 208 3.99 -7.30 15.78
CA LEU A 208 3.11 -8.45 15.99
C LEU A 208 3.71 -9.72 15.39
N ALA A 209 4.29 -9.59 14.20
CA ALA A 209 4.80 -10.73 13.45
C ALA A 209 6.02 -11.33 14.14
N LEU A 210 6.73 -10.53 14.92
CA LEU A 210 7.88 -11.05 15.66
C LEU A 210 7.47 -12.15 16.64
N HIS A 211 6.20 -12.17 17.02
CA HIS A 211 5.66 -13.19 17.91
C HIS A 211 5.46 -14.52 17.18
N GLU A 212 5.19 -14.45 15.88
CA GLU A 212 4.87 -15.64 15.10
C GLU A 212 6.13 -16.45 14.79
N ASP A 213 5.95 -17.71 14.45
CA ASP A 213 7.09 -18.57 14.17
C ASP A 213 7.12 -19.05 12.73
N LYS A 214 6.52 -18.28 11.83
CA LYS A 214 6.60 -18.58 10.42
C LYS A 214 8.07 -18.72 10.04
N PRO A 215 8.42 -19.80 9.32
CA PRO A 215 9.76 -19.93 8.76
C PRO A 215 9.90 -19.13 7.47
N ASP A 216 11.09 -18.56 7.26
CA ASP A 216 11.33 -17.66 6.11
C ASP A 216 10.75 -16.26 6.31
N PHE A 217 10.40 -15.93 7.55
CA PHE A 217 10.01 -14.59 7.90
C PHE A 217 10.77 -14.12 9.12
N VAL A 218 11.25 -12.89 9.08
CA VAL A 218 11.68 -12.19 10.27
C VAL A 218 10.68 -11.04 10.40
N GLY A 219 9.67 -11.23 11.25
CA GLY A 219 8.57 -10.29 11.32
C GLY A 219 7.76 -10.31 10.02
N ILE A 220 7.63 -9.15 9.38
CA ILE A 220 6.95 -9.11 8.09
C ILE A 220 7.93 -9.22 6.93
N ILE A 221 9.22 -9.32 7.25
CA ILE A 221 10.25 -9.42 6.23
C ILE A 221 10.42 -10.86 5.74
N CYS A 222 10.03 -11.12 4.50
CA CYS A 222 10.28 -12.43 3.92
C CYS A 222 11.77 -12.56 3.60
N THR A 223 12.38 -13.64 4.05
CA THR A 223 13.81 -13.81 3.90
C THR A 223 14.18 -14.27 2.49
N ARG A 224 13.24 -14.93 1.81
CA ARG A 224 13.49 -15.42 0.46
C ARG A 224 12.28 -15.21 -0.45
N LEU A 225 11.90 -13.95 -0.63
CA LEU A 225 10.73 -13.61 -1.43
C LEU A 225 10.97 -13.89 -2.90
N SER A 226 10.02 -14.60 -3.51
CA SER A 226 9.98 -14.80 -4.94
C SER A 226 8.99 -13.82 -5.58
N PRO A 227 9.49 -12.87 -6.38
CA PRO A 227 8.63 -11.91 -7.08
C PRO A 227 7.60 -12.63 -7.96
N LYS A 228 8.04 -13.67 -8.64
CA LYS A 228 7.15 -14.42 -9.50
C LYS A 228 5.96 -15.01 -8.72
N LYS A 229 6.24 -15.54 -7.53
CA LYS A 229 5.21 -16.17 -6.71
C LYS A 229 4.18 -15.17 -6.23
N ILE A 230 4.65 -14.05 -5.70
CA ILE A 230 3.72 -13.05 -5.18
C ILE A 230 2.91 -12.40 -6.30
N ILE A 231 3.52 -12.26 -7.47
CA ILE A 231 2.81 -11.77 -8.65
C ILE A 231 1.70 -12.74 -9.05
N GLU A 232 2.05 -14.02 -9.15
CA GLU A 232 1.07 -15.09 -9.42
C GLU A 232 -0.11 -15.10 -8.45
N LYS A 233 0.18 -14.95 -7.17
CA LYS A 233 -0.88 -14.83 -6.18
C LYS A 233 -1.89 -13.75 -6.56
N TRP A 234 -1.41 -12.57 -6.93
CA TRP A 234 -2.31 -11.45 -7.19
C TRP A 234 -2.92 -11.48 -8.58
N VAL A 235 -2.24 -12.15 -9.50
CA VAL A 235 -2.81 -12.48 -10.79
C VAL A 235 -4.08 -13.34 -10.63
N ASP A 236 -3.98 -14.43 -9.88
CA ASP A 236 -5.13 -15.32 -9.66
C ASP A 236 -6.29 -14.52 -9.08
N PHE A 237 -5.98 -13.71 -8.07
CA PHE A 237 -6.95 -12.82 -7.46
C PHE A 237 -7.60 -11.84 -8.44
N ALA A 238 -6.79 -11.15 -9.24
CA ALA A 238 -7.32 -10.16 -10.16
C ALA A 238 -8.12 -10.84 -11.27
N ARG A 239 -7.63 -11.97 -11.75
CA ARG A 239 -8.35 -12.74 -12.77
C ARG A 239 -9.74 -13.19 -12.31
N ARG A 240 -9.88 -13.61 -11.06
CA ARG A 240 -11.19 -14.00 -10.52
C ARG A 240 -12.16 -12.82 -10.55
N LEU A 241 -11.72 -11.67 -10.04
CA LEU A 241 -12.55 -10.48 -10.05
C LEU A 241 -12.95 -10.15 -11.47
N CYS A 242 -11.99 -10.25 -12.38
CA CYS A 242 -12.22 -9.90 -13.77
C CYS A 242 -13.17 -10.91 -14.45
N GLU A 243 -12.92 -12.20 -14.25
CA GLU A 243 -13.82 -13.24 -14.76
C GLU A 243 -15.23 -13.04 -14.25
N HIS A 244 -15.36 -12.67 -12.98
CA HIS A 244 -16.67 -12.48 -12.37
C HIS A 244 -17.44 -11.34 -13.03
N LYS A 245 -16.72 -10.35 -13.56
CA LYS A 245 -17.38 -9.21 -14.18
C LYS A 245 -17.55 -9.31 -15.69
N TYR A 246 -16.64 -10.01 -16.37
CA TYR A 246 -16.65 -10.04 -17.83
C TYR A 246 -16.86 -11.44 -18.43
N GLY A 247 -16.81 -12.47 -17.59
CA GLY A 247 -16.91 -13.84 -18.09
C GLY A 247 -15.58 -14.41 -18.53
N ASN A 248 -14.54 -13.58 -18.54
CA ASN A 248 -13.19 -14.01 -18.89
C ASN A 248 -12.14 -13.04 -18.36
N ALA A 249 -10.86 -13.42 -18.48
CA ALA A 249 -9.77 -12.55 -18.03
C ALA A 249 -8.56 -12.75 -18.91
N PRO A 250 -7.78 -11.69 -19.13
CA PRO A 250 -6.56 -11.94 -19.90
C PRO A 250 -5.71 -12.98 -19.18
N ARG A 251 -4.96 -13.76 -19.92
CA ARG A 251 -3.91 -14.58 -19.33
C ARG A 251 -2.74 -13.66 -19.01
N VAL A 252 -1.94 -14.04 -18.02
CA VAL A 252 -0.76 -13.29 -17.69
C VAL A 252 0.48 -14.11 -17.95
N ARG A 253 1.41 -13.59 -18.74
CA ARG A 253 2.70 -14.23 -18.91
C ARG A 253 3.72 -13.48 -18.07
N ILE A 254 4.59 -14.22 -17.39
CA ILE A 254 5.64 -13.62 -16.59
C ILE A 254 7.00 -14.00 -17.17
N ASN A 255 7.85 -13.00 -17.45
CA ASN A 255 9.18 -13.28 -17.98
C ASN A 255 10.27 -12.49 -17.28
N GLY A 256 11.51 -12.62 -17.74
CA GLY A 256 12.63 -12.00 -17.05
C GLY A 256 13.19 -12.84 -15.92
N HIS A 257 13.52 -12.22 -14.80
CA HIS A 257 14.18 -12.92 -13.70
C HIS A 257 13.19 -13.73 -12.85
N VAL A 258 12.57 -14.71 -13.49
CA VAL A 258 11.49 -15.48 -12.87
C VAL A 258 11.93 -16.35 -11.71
N ALA A 259 13.23 -16.57 -11.56
CA ALA A 259 13.72 -17.46 -10.51
C ALA A 259 14.37 -16.67 -9.39
N ALA A 260 14.27 -15.35 -9.44
CA ALA A 260 14.86 -14.51 -8.42
C ALA A 260 14.25 -14.78 -7.05
N ARG A 261 15.09 -14.69 -6.02
CA ARG A 261 14.63 -14.80 -4.64
C ARG A 261 15.54 -13.96 -3.77
N PHE A 262 14.94 -13.16 -2.90
CA PHE A 262 15.70 -12.22 -2.07
C PHE A 262 14.86 -11.75 -0.89
N PRO A 263 15.51 -11.24 0.16
CA PRO A 263 14.78 -10.68 1.29
C PRO A 263 13.98 -9.45 0.88
N PHE A 264 12.75 -9.34 1.35
CA PHE A 264 11.86 -8.28 0.90
C PHE A 264 10.59 -8.27 1.75
N ILE A 265 9.98 -7.09 1.87
CA ILE A 265 8.73 -6.94 2.58
C ILE A 265 7.55 -6.97 1.62
N PRO A 266 6.72 -8.01 1.70
CA PRO A 266 5.59 -8.22 0.80
C PRO A 266 4.51 -7.13 0.87
N MET A 267 4.29 -6.55 2.05
CA MET A 267 3.15 -5.66 2.28
C MET A 267 2.87 -4.64 1.16
N PRO A 268 3.86 -3.81 0.79
CA PRO A 268 3.64 -2.86 -0.31
C PRO A 268 3.24 -3.54 -1.64
N LEU A 269 3.87 -4.67 -1.95
CA LEU A 269 3.51 -5.40 -3.16
C LEU A 269 2.04 -5.85 -3.06
N ASP A 270 1.62 -6.24 -1.85
CA ASP A 270 0.26 -6.72 -1.62
C ASP A 270 -0.76 -5.61 -1.89
N TYR A 271 -0.38 -4.37 -1.66
CA TYR A 271 -1.32 -3.33 -2.06
CA TYR A 271 -1.25 -3.25 -2.00
C TYR A 271 -1.18 -3.00 -3.53
N ILE A 272 0.05 -2.79 -3.99
CA ILE A 272 0.25 -2.27 -5.34
C ILE A 272 -0.13 -3.23 -6.47
N LEU A 273 0.36 -4.46 -6.40
CA LEU A 273 0.17 -5.38 -7.50
C LEU A 273 -1.30 -5.54 -7.91
N PRO A 274 -2.21 -5.83 -6.95
CA PRO A 274 -3.62 -6.00 -7.37
C PRO A 274 -4.19 -4.74 -7.99
N GLU A 275 -3.78 -3.57 -7.52
CA GLU A 275 -4.27 -2.35 -8.13
C GLU A 275 -3.87 -2.27 -9.62
N LEU A 276 -2.62 -2.63 -9.94
CA LEU A 276 -2.11 -2.47 -11.31
C LEU A 276 -2.65 -3.56 -12.21
N LEU A 277 -2.81 -4.75 -11.64
CA LEU A 277 -3.38 -5.88 -12.37
C LEU A 277 -4.84 -5.64 -12.69
N LYS A 278 -5.59 -5.14 -11.71
CA LYS A 278 -6.99 -4.82 -11.96
C LYS A 278 -7.12 -3.79 -13.08
N ASN A 279 -6.26 -2.78 -13.06
CA ASN A 279 -6.26 -1.75 -14.11
C ASN A 279 -6.01 -2.33 -15.48
N ALA A 280 -4.97 -3.15 -15.58
CA ALA A 280 -4.57 -3.70 -16.87
C ALA A 280 -5.65 -4.65 -17.41
N MET A 281 -6.24 -5.43 -16.52
CA MET A 281 -7.29 -6.38 -16.93
C MET A 281 -8.57 -5.67 -17.37
N ARG A 282 -9.01 -4.69 -16.58
CA ARG A 282 -10.17 -3.88 -16.96
C ARG A 282 -9.96 -3.26 -18.35
N ALA A 283 -8.83 -2.60 -18.55
CA ALA A 283 -8.53 -1.95 -19.83
C ALA A 283 -8.55 -2.95 -20.98
N THR A 284 -7.97 -4.12 -20.73
CA THR A 284 -7.93 -5.14 -21.76
C THR A 284 -9.34 -5.59 -22.14
N MET A 285 -10.18 -5.88 -21.13
CA MET A 285 -11.54 -6.34 -21.43
C MET A 285 -12.37 -5.25 -22.11
N GLU A 286 -12.33 -4.03 -21.56
CA GLU A 286 -13.13 -2.92 -22.06
C GLU A 286 -12.79 -2.51 -23.50
N SER A 287 -11.60 -2.92 -23.97
CA SER A 287 -11.22 -2.61 -25.35
C SER A 287 -11.39 -3.83 -26.26
N HIS A 288 -11.85 -4.94 -25.70
CA HIS A 288 -12.06 -6.15 -26.50
C HIS A 288 -13.44 -6.74 -26.31
N LEU A 289 -14.44 -5.87 -26.32
CA LEU A 289 -15.80 -6.28 -25.98
C LEU A 289 -16.39 -7.26 -26.98
N ASP A 290 -15.88 -7.25 -28.20
CA ASP A 290 -16.36 -8.16 -29.24
C ASP A 290 -15.75 -9.56 -29.11
N THR A 291 -14.59 -9.66 -28.47
CA THR A 291 -13.90 -10.95 -28.36
C THR A 291 -13.48 -11.25 -26.93
N PRO A 292 -14.45 -11.26 -26.01
CA PRO A 292 -14.13 -11.46 -24.58
C PRO A 292 -13.43 -12.79 -24.34
N TYR A 293 -13.66 -13.74 -25.24
CA TYR A 293 -13.15 -15.10 -25.15
C TYR A 293 -11.73 -15.18 -25.71
N ASN A 294 -11.29 -14.12 -26.36
CA ASN A 294 -9.94 -14.07 -26.91
C ASN A 294 -9.32 -12.66 -26.85
N VAL A 295 -8.68 -12.35 -25.72
CA VAL A 295 -8.10 -11.03 -25.47
C VAL A 295 -6.59 -11.16 -25.32
N PRO A 296 -5.83 -10.10 -25.66
CA PRO A 296 -4.37 -10.16 -25.59
C PRO A 296 -3.88 -10.38 -24.17
N ASP A 297 -2.81 -11.16 -24.00
CA ASP A 297 -2.28 -11.41 -22.67
C ASP A 297 -1.78 -10.12 -22.01
N VAL A 298 -1.70 -10.14 -20.69
CA VAL A 298 -0.95 -9.15 -19.97
C VAL A 298 0.41 -9.77 -19.77
N VAL A 299 1.45 -9.00 -20.00
CA VAL A 299 2.81 -9.51 -19.94
C VAL A 299 3.57 -8.80 -18.84
N ILE A 300 4.10 -9.57 -17.91
CA ILE A 300 4.83 -8.99 -16.79
C ILE A 300 6.28 -9.41 -16.84
N THR A 301 7.16 -8.42 -16.74
CA THR A 301 8.59 -8.66 -16.77
C THR A 301 9.20 -8.31 -15.43
N ILE A 302 10.03 -9.21 -14.91
CA ILE A 302 10.72 -9.00 -13.64
C ILE A 302 12.18 -8.72 -13.94
N ALA A 303 12.70 -7.61 -13.43
CA ALA A 303 14.12 -7.32 -13.50
C ALA A 303 14.69 -7.14 -12.10
N ASN A 304 15.66 -7.98 -11.76
CA ASN A 304 16.26 -7.94 -10.44
C ASN A 304 17.76 -7.64 -10.53
N ASN A 305 18.17 -6.54 -9.91
CA ASN A 305 19.57 -6.15 -9.90
C ASN A 305 19.95 -5.78 -8.47
N ASP A 306 21.14 -5.24 -8.27
CA ASP A 306 21.62 -5.01 -6.90
C ASP A 306 21.01 -3.79 -6.24
N VAL A 307 20.49 -2.87 -7.05
CA VAL A 307 19.88 -1.66 -6.50
C VAL A 307 18.38 -1.81 -6.26
N ASP A 308 17.65 -2.28 -7.27
CA ASP A 308 16.19 -2.35 -7.15
C ASP A 308 15.56 -3.55 -7.82
N LEU A 309 14.27 -3.72 -7.56
CA LEU A 309 13.43 -4.70 -8.22
C LEU A 309 12.50 -3.92 -9.13
N ILE A 310 12.46 -4.27 -10.41
CA ILE A 310 11.56 -3.63 -11.35
C ILE A 310 10.53 -4.63 -11.83
N ILE A 311 9.26 -4.26 -11.79
CA ILE A 311 8.20 -5.10 -12.32
C ILE A 311 7.47 -4.28 -13.37
N ARG A 312 7.55 -4.72 -14.62
CA ARG A 312 6.86 -4.04 -15.71
C ARG A 312 5.60 -4.80 -16.07
N ILE A 313 4.48 -4.10 -16.08
CA ILE A 313 3.20 -4.69 -16.40
C ILE A 313 2.66 -4.06 -17.69
N SER A 314 2.67 -4.82 -18.77
CA SER A 314 2.31 -4.32 -20.09
C SER A 314 1.01 -4.93 -20.56
N ASP A 315 0.10 -4.11 -21.03
CA ASP A 315 -1.16 -4.60 -21.57
C ASP A 315 -1.37 -4.10 -23.00
N ARG A 316 -2.27 -4.75 -23.72
CA ARG A 316 -2.73 -4.28 -25.02
C ARG A 316 -4.16 -3.77 -24.86
N GLY A 317 -4.38 -2.98 -23.81
CA GLY A 317 -5.71 -2.50 -23.48
C GLY A 317 -6.09 -1.18 -24.11
N GLY A 318 -5.33 -0.73 -25.11
CA GLY A 318 -5.68 0.46 -25.87
C GLY A 318 -5.07 1.76 -25.35
N GLY A 319 -4.43 1.71 -24.20
CA GLY A 319 -3.69 2.87 -23.70
C GLY A 319 -4.48 3.88 -22.88
N ILE A 320 -3.78 4.88 -22.35
CA ILE A 320 -4.44 5.97 -21.62
C ILE A 320 -4.53 7.19 -22.52
N ALA A 321 -5.75 7.61 -22.84
CA ALA A 321 -5.97 8.70 -23.80
C ALA A 321 -5.26 9.97 -23.40
N HIS A 322 -4.81 10.73 -24.39
CA HIS A 322 -4.11 11.98 -24.16
C HIS A 322 -4.88 12.94 -23.24
N LYS A 323 -6.20 13.00 -23.40
CA LYS A 323 -7.03 13.88 -22.58
C LYS A 323 -7.12 13.47 -21.11
N ASP A 324 -6.86 12.19 -20.81
CA ASP A 324 -6.94 11.68 -19.43
C ASP A 324 -5.58 11.61 -18.74
N LEU A 325 -4.52 11.79 -19.50
CA LEU A 325 -3.18 11.45 -19.03
C LEU A 325 -2.74 12.26 -17.81
N ASP A 326 -3.12 13.54 -17.77
CA ASP A 326 -2.72 14.42 -16.67
C ASP A 326 -3.62 14.22 -15.45
N ARG A 327 -4.69 13.44 -15.62
CA ARG A 327 -5.68 13.24 -14.56
C ARG A 327 -5.46 11.92 -13.83
N VAL A 328 -4.95 10.91 -14.53
CA VAL A 328 -4.99 9.57 -13.95
C VAL A 328 -4.26 9.44 -12.63
N MET A 329 -3.29 10.29 -12.36
CA MET A 329 -2.59 10.26 -11.07
C MET A 329 -3.28 11.09 -9.97
N ASP A 330 -4.42 11.70 -10.29
CA ASP A 330 -5.17 12.46 -9.31
C ASP A 330 -5.97 11.51 -8.44
N TYR A 331 -5.91 11.64 -7.13
CA TYR A 331 -6.91 10.95 -6.33
C TYR A 331 -8.33 11.24 -6.82
N HIS A 332 -9.21 10.23 -6.78
CA HIS A 332 -10.60 10.36 -7.19
C HIS A 332 -10.85 10.31 -8.71
N PHE A 333 -9.85 10.58 -9.55
CA PHE A 333 -10.15 10.54 -10.98
C PHE A 333 -10.39 9.12 -11.50
N THR A 334 -11.47 8.89 -12.24
CA THR A 334 -11.72 7.56 -12.77
C THR A 334 -12.53 7.68 -14.05
N THR A 335 -12.30 6.78 -15.01
CA THR A 335 -13.14 6.73 -16.20
C THR A 335 -14.20 5.63 -16.09
N ALA A 336 -14.29 4.98 -14.93
CA ALA A 336 -15.26 3.91 -14.71
C ALA A 336 -16.70 4.44 -14.63
N GLY A 365 -13.00 0.92 -8.99
CA GLY A 365 -13.19 1.42 -7.64
C GLY A 365 -13.43 2.92 -7.55
N PHE A 366 -12.74 3.56 -6.61
CA PHE A 366 -12.93 4.97 -6.35
C PHE A 366 -11.78 5.84 -6.85
N GLY A 367 -11.05 5.40 -7.86
CA GLY A 367 -9.98 6.21 -8.44
C GLY A 367 -8.81 6.46 -7.51
N PHE A 368 -8.46 5.49 -6.68
CA PHE A 368 -7.36 5.67 -5.74
C PHE A 368 -6.14 4.80 -6.10
N GLY A 369 -6.36 3.78 -6.93
CA GLY A 369 -5.32 2.82 -7.25
C GLY A 369 -3.97 3.37 -7.69
N LEU A 370 -3.98 4.25 -8.68
CA LEU A 370 -2.73 4.80 -9.21
C LEU A 370 -1.98 5.77 -8.27
N PRO A 371 -2.67 6.82 -7.78
CA PRO A 371 -2.00 7.78 -6.87
C PRO A 371 -1.54 7.15 -5.57
N THR A 372 -2.34 6.26 -5.02
CA THR A 372 -1.94 5.52 -3.82
C THR A 372 -0.71 4.66 -4.10
N SER A 373 -0.76 3.88 -5.18
CA SER A 373 0.36 3.01 -5.53
C SER A 373 1.65 3.80 -5.73
N ARG A 374 1.55 4.93 -6.43
CA ARG A 374 2.72 5.76 -6.63
C ARG A 374 3.23 6.33 -5.31
N ALA A 375 2.32 6.82 -4.47
CA ALA A 375 2.75 7.41 -3.21
C ALA A 375 3.46 6.35 -2.36
N TYR A 376 2.90 5.14 -2.31
CA TYR A 376 3.54 4.04 -1.59
C TYR A 376 4.93 3.72 -2.12
N ALA A 377 5.08 3.67 -3.44
CA ALA A 377 6.36 3.29 -4.04
C ALA A 377 7.42 4.34 -3.75
N GLU A 378 7.06 5.61 -3.96
CA GLU A 378 7.98 6.71 -3.66
C GLU A 378 8.35 6.77 -2.17
N TYR A 379 7.37 6.53 -1.29
CA TYR A 379 7.64 6.51 0.16
C TYR A 379 8.72 5.49 0.51
N LEU A 380 8.74 4.37 -0.21
CA LEU A 380 9.70 3.32 0.08
C LEU A 380 10.99 3.48 -0.73
N GLY A 381 11.12 4.58 -1.45
CA GLY A 381 12.35 4.82 -2.17
C GLY A 381 12.31 4.36 -3.62
N GLY A 382 11.14 3.96 -4.10
CA GLY A 382 11.01 3.50 -5.47
C GLY A 382 10.22 4.49 -6.29
N SER A 383 9.49 3.98 -7.28
CA SER A 383 8.71 4.84 -8.15
C SER A 383 7.70 4.01 -8.93
N LEU A 384 6.76 4.71 -9.56
CA LEU A 384 5.76 4.09 -10.40
C LEU A 384 5.59 4.99 -11.60
N GLN A 385 5.91 4.47 -12.79
CA GLN A 385 5.87 5.27 -14.01
C GLN A 385 5.01 4.61 -15.09
N LEU A 386 4.33 5.43 -15.87
CA LEU A 386 3.41 4.96 -16.88
C LEU A 386 3.93 5.37 -18.22
N GLN A 387 3.81 4.48 -19.21
CA GLN A 387 4.05 4.82 -20.60
C GLN A 387 2.82 4.43 -21.40
N SER A 388 2.10 5.41 -21.93
CA SER A 388 0.90 5.12 -22.68
C SER A 388 1.18 5.07 -24.18
N LEU A 389 0.76 3.99 -24.83
CA LEU A 389 0.77 3.94 -26.30
C LEU A 389 -0.66 4.03 -26.81
N GLN A 390 -1.18 5.25 -26.94
CA GLN A 390 -2.59 5.43 -27.27
C GLN A 390 -2.98 4.68 -28.54
N GLY A 391 -4.00 3.83 -28.45
CA GLY A 391 -4.36 2.99 -29.59
C GLY A 391 -3.84 1.56 -29.46
N ILE A 392 -2.87 1.34 -28.56
CA ILE A 392 -2.30 0.01 -28.40
C ILE A 392 -2.42 -0.50 -26.97
N GLY A 393 -1.86 0.24 -26.01
CA GLY A 393 -1.83 -0.22 -24.63
C GLY A 393 -0.93 0.60 -23.73
N THR A 394 -0.62 0.05 -22.57
CA THR A 394 0.08 0.76 -21.53
C THR A 394 1.14 -0.12 -20.88
N ASP A 395 2.30 0.45 -20.62
CA ASP A 395 3.32 -0.22 -19.81
C ASP A 395 3.40 0.51 -18.48
N VAL A 396 3.29 -0.23 -17.37
CA VAL A 396 3.43 0.37 -16.05
C VAL A 396 4.68 -0.22 -15.41
N TYR A 397 5.55 0.64 -14.90
CA TYR A 397 6.83 0.21 -14.35
C TYR A 397 6.84 0.52 -12.85
N LEU A 398 6.84 -0.53 -12.04
CA LEU A 398 7.00 -0.42 -10.60
C LEU A 398 8.45 -0.70 -10.21
N ARG A 399 9.06 0.23 -9.49
CA ARG A 399 10.42 0.05 -8.99
C ARG A 399 10.43 0.17 -7.47
N LEU A 400 10.98 -0.84 -6.80
CA LEU A 400 11.11 -0.83 -5.36
C LEU A 400 12.55 -1.13 -5.02
N ARG A 401 13.14 -0.34 -4.11
CA ARG A 401 14.53 -0.54 -3.71
C ARG A 401 14.70 -1.83 -2.94
N HIS A 402 15.86 -2.47 -3.11
CA HIS A 402 16.15 -3.64 -2.31
C HIS A 402 16.45 -3.26 -0.87
N ILE A 403 16.38 -4.26 -0.01
CA ILE A 403 16.78 -4.12 1.38
C ILE A 403 18.32 -4.06 1.43
N ASP A 404 18.85 -2.96 1.97
CA ASP A 404 20.31 -2.78 2.09
C ASP A 404 20.93 -3.82 3.01
N GLY A 405 22.07 -4.37 2.62
CA GLY A 405 22.78 -5.33 3.44
C GLY A 405 24.23 -4.94 3.69
#